data_1X55
#
_entry.id   1X55
#
_cell.length_a   126.212
_cell.length_b   68.024
_cell.length_c   75.604
_cell.angle_alpha   90.00
_cell.angle_beta   117.35
_cell.angle_gamma   90.00
#
_symmetry.space_group_name_H-M   'C 1 2 1'
#
loop_
_entity.id
_entity.type
_entity.pdbx_description
1 polymer 'Asparaginyl-tRNA synthetase'
2 non-polymer 'PHOSPHATE ION'
3 non-polymer 'MAGNESIUM ION'
4 non-polymer "5'-O-[N-(L-ASPARAGINYL)SULFAMOYL]ADENOSINE"
5 water water
#
_entity_poly.entity_id   1
_entity_poly.type   'polypeptide(L)'
_entity_poly.pdbx_seq_one_letter_code
;MIEKVYCQEVKPELDGKKVRLAGWVYTNMRVGKKIFLWIRDSTGIVQAVVAKNVVGEETFEKAKKLGRESSVIVEGIVKA
DERAPGGAEVHVEKLEVIQAVSEFPIPENPEQASPELLLDYRHLHIRTPKASAIMKVKETLIMAAREWLLKDGWHEVFPP
ILVTGAVEGGATLFKLKYFDKYAYLSQSAQLYLEAAIFGLEKVWSLTPSFRAEKSRTRRHLTEFWHLELEAAWMDLWDIM
KVEEELVSYMVQRTLELRKKEIEMFRDDLTTLKNTEPPFPRISYDEAIDILQSKGVNVEWGDDLGADEERVLTEEFDRPF
FVYGYPKHIKAFYMKEDPNDPRKVLASDMLAPEGYGEIIGGSQREDDYDKLLNRILEEGMDPKDYEWYLDLRRYGSVPHS
GFGLGVERLVAWVLKLDHIRWAALFPRTPARLYP
;
_entity_poly.pdbx_strand_id   A
#
# COMPACT_ATOMS: atom_id res chain seq x y z
N MET A 1 19.77 -17.78 -21.51
CA MET A 1 19.63 -16.33 -21.81
C MET A 1 20.99 -15.67 -21.92
N ILE A 2 21.11 -14.73 -22.85
CA ILE A 2 22.28 -13.86 -22.89
C ILE A 2 22.11 -12.79 -21.79
N GLU A 3 23.07 -12.75 -20.88
CA GLU A 3 22.92 -11.93 -19.69
C GLU A 3 22.98 -10.45 -20.06
N LYS A 4 22.20 -9.66 -19.32
CA LYS A 4 22.22 -8.21 -19.49
C LYS A 4 22.94 -7.56 -18.32
N VAL A 5 23.36 -6.32 -18.55
CA VAL A 5 23.88 -5.45 -17.52
C VAL A 5 22.73 -4.45 -17.23
N TYR A 6 22.35 -4.33 -15.96
CA TYR A 6 21.29 -3.36 -15.58
C TYR A 6 21.80 -1.93 -15.64
N CYS A 7 20.90 -1.00 -15.88
CA CYS A 7 21.31 0.39 -15.98
C CYS A 7 22.08 0.88 -14.75
N GLN A 8 21.64 0.48 -13.55
CA GLN A 8 22.30 0.92 -12.29
C GLN A 8 23.75 0.41 -12.18
N GLU A 9 24.06 -0.64 -12.95
CA GLU A 9 25.39 -1.24 -12.94
C GLU A 9 26.41 -0.49 -13.81
N VAL A 10 25.92 0.41 -14.67
CA VAL A 10 26.77 1.16 -15.58
C VAL A 10 27.40 2.32 -14.81
N LYS A 11 28.63 2.09 -14.39
CA LYS A 11 29.35 2.95 -13.47
C LYS A 11 30.74 3.26 -14.03
N PRO A 12 31.31 4.43 -13.66
CA PRO A 12 32.63 4.86 -14.14
C PRO A 12 33.69 3.77 -14.03
N GLU A 13 33.60 2.94 -13.00
CA GLU A 13 34.56 1.84 -12.79
C GLU A 13 34.51 0.73 -13.84
N LEU A 14 33.48 0.73 -14.67
CA LEU A 14 33.42 -0.22 -15.78
C LEU A 14 34.08 0.36 -17.04
N ASP A 15 34.76 1.49 -16.92
CA ASP A 15 35.36 2.13 -18.09
C ASP A 15 36.10 1.09 -18.92
N GLY A 16 35.79 1.03 -20.22
CA GLY A 16 36.44 0.12 -21.16
C GLY A 16 35.87 -1.29 -21.27
N LYS A 17 34.82 -1.57 -20.50
CA LYS A 17 34.22 -2.91 -20.52
C LYS A 17 33.03 -2.97 -21.45
N LYS A 18 32.86 -4.12 -22.07
CA LYS A 18 31.69 -4.41 -22.87
C LYS A 18 30.48 -4.72 -21.99
N VAL A 19 29.35 -4.10 -22.32
CA VAL A 19 28.09 -4.40 -21.67
C VAL A 19 26.99 -4.59 -22.70
N ARG A 20 25.93 -5.31 -22.30
CA ARG A 20 24.74 -5.50 -23.10
C ARG A 20 23.60 -4.94 -22.28
N LEU A 21 23.08 -3.79 -22.71
CA LEU A 21 21.87 -3.25 -22.11
C LEU A 21 20.65 -3.87 -22.75
N ALA A 22 19.55 -3.95 -22.01
CA ALA A 22 18.28 -4.40 -22.55
C ALA A 22 17.20 -3.58 -21.86
N GLY A 23 16.38 -2.90 -22.66
CA GLY A 23 15.36 -2.02 -22.09
C GLY A 23 14.62 -1.21 -23.12
N TRP A 24 14.17 -0.03 -22.71
CA TRP A 24 13.23 0.76 -23.47
C TRP A 24 13.74 2.20 -23.61
N VAL A 25 13.52 2.79 -24.78
CA VAL A 25 14.00 4.15 -25.01
C VAL A 25 13.23 5.14 -24.12
N TYR A 26 13.98 5.92 -23.37
CA TYR A 26 13.41 6.94 -22.51
C TYR A 26 13.38 8.28 -23.25
N THR A 27 14.48 8.63 -23.91
CA THR A 27 14.56 9.85 -24.74
C THR A 27 15.56 9.59 -25.88
N ASN A 28 15.40 10.35 -26.94
CA ASN A 28 16.20 10.18 -28.15
C ASN A 28 16.52 11.61 -28.59
N MET A 29 17.79 11.99 -28.51
CA MET A 29 18.17 13.34 -28.95
C MET A 29 19.46 13.33 -29.73
N ARG A 30 19.48 14.11 -30.80
CA ARG A 30 20.71 14.33 -31.55
C ARG A 30 21.52 15.37 -30.80
N VAL A 31 22.75 15.00 -30.52
CA VAL A 31 23.73 15.85 -29.84
C VAL A 31 24.97 15.91 -30.72
N GLY A 32 25.26 17.10 -31.26
CA GLY A 32 26.27 17.20 -32.32
C GLY A 32 25.88 16.29 -33.48
N LYS A 33 26.83 15.49 -33.95
CA LYS A 33 26.60 14.53 -35.04
C LYS A 33 26.06 13.18 -34.57
N LYS A 34 25.94 13.03 -33.26
CA LYS A 34 25.64 11.72 -32.68
C LYS A 34 24.19 11.65 -32.18
N ILE A 35 23.70 10.43 -32.02
CA ILE A 35 22.39 10.21 -31.42
C ILE A 35 22.59 9.67 -30.02
N PHE A 36 21.99 10.37 -29.06
CA PHE A 36 22.01 9.97 -27.66
C PHE A 36 20.67 9.33 -27.36
N LEU A 37 20.69 8.03 -27.10
CA LEU A 37 19.48 7.35 -26.63
C LEU A 37 19.61 7.10 -25.14
N TRP A 38 18.68 7.61 -24.35
CA TRP A 38 18.66 7.25 -22.93
C TRP A 38 17.78 6.05 -22.84
N ILE A 39 18.31 4.99 -22.24
CA ILE A 39 17.66 3.67 -22.18
C ILE A 39 17.27 3.46 -20.72
N ARG A 40 15.99 3.21 -20.50
CA ARG A 40 15.53 2.88 -19.16
C ARG A 40 15.35 1.36 -18.98
N ASP A 41 15.64 0.89 -17.77
CA ASP A 41 15.17 -0.43 -17.39
C ASP A 41 14.61 -0.31 -15.97
N SER A 42 14.42 -1.44 -15.30
CA SER A 42 13.86 -1.42 -13.93
C SER A 42 14.73 -0.72 -12.87
N THR A 43 16.02 -0.51 -13.16
CA THR A 43 17.00 0.03 -12.20
C THR A 43 17.50 1.46 -12.45
N GLY A 44 17.25 2.02 -13.63
CA GLY A 44 17.68 3.38 -13.92
C GLY A 44 17.73 3.70 -15.40
N ILE A 45 18.44 4.79 -15.72
CA ILE A 45 18.53 5.26 -17.11
C ILE A 45 20.01 5.42 -17.46
N VAL A 46 20.40 4.92 -18.65
CA VAL A 46 21.80 5.03 -19.08
C VAL A 46 21.86 5.71 -20.42
N GLN A 47 22.86 6.58 -20.58
CA GLN A 47 23.08 7.28 -21.85
C GLN A 47 23.87 6.39 -22.80
N ALA A 48 23.26 6.06 -23.93
CA ALA A 48 23.88 5.24 -24.98
C ALA A 48 24.15 6.12 -26.19
N VAL A 49 25.41 6.21 -26.58
CA VAL A 49 25.85 7.09 -27.65
C VAL A 49 26.00 6.32 -28.96
N VAL A 50 25.26 6.74 -29.98
CA VAL A 50 25.21 6.04 -31.26
C VAL A 50 25.86 6.92 -32.33
N ALA A 51 27.02 6.51 -32.81
CA ALA A 51 27.78 7.28 -33.80
C ALA A 51 27.67 6.62 -35.17
N LYS A 52 27.33 7.41 -36.19
CA LYS A 52 27.15 6.89 -37.55
C LYS A 52 28.37 6.15 -38.06
N ASN A 53 29.56 6.70 -37.79
CA ASN A 53 30.80 6.12 -38.31
C ASN A 53 31.20 4.83 -37.58
N VAL A 54 30.49 4.53 -36.49
CA VAL A 54 30.72 3.31 -35.71
C VAL A 54 29.69 2.21 -36.05
N VAL A 55 28.41 2.55 -36.05
CA VAL A 55 27.34 1.58 -36.26
C VAL A 55 26.93 1.46 -37.72
N GLY A 56 27.32 2.45 -38.54
CA GLY A 56 26.96 2.42 -39.96
C GLY A 56 25.63 3.06 -40.25
N GLU A 57 25.37 3.34 -41.53
CA GLU A 57 24.24 4.17 -41.90
C GLU A 57 22.90 3.53 -41.61
N GLU A 58 22.81 2.22 -41.84
CA GLU A 58 21.54 1.52 -41.66
C GLU A 58 21.06 1.60 -40.19
N THR A 59 21.97 1.24 -39.29
CA THR A 59 21.68 1.27 -37.86
C THR A 59 21.47 2.70 -37.38
N PHE A 60 22.29 3.61 -37.91
CA PHE A 60 22.13 5.00 -37.53
C PHE A 60 20.75 5.54 -37.88
N GLU A 61 20.28 5.25 -39.09
CA GLU A 61 18.95 5.68 -39.51
C GLU A 61 17.84 5.08 -38.67
N LYS A 62 18.00 3.80 -38.31
CA LYS A 62 17.00 3.11 -37.47
C LYS A 62 16.93 3.78 -36.11
N ALA A 63 18.09 4.15 -35.58
CA ALA A 63 18.19 4.78 -34.27
C ALA A 63 17.48 6.15 -34.24
N LYS A 64 17.50 6.86 -35.36
CA LYS A 64 16.81 8.17 -35.45
C LYS A 64 15.32 8.04 -35.24
N LYS A 65 14.77 6.89 -35.61
CA LYS A 65 13.35 6.71 -35.61
C LYS A 65 12.80 6.15 -34.29
N LEU A 66 13.68 5.91 -33.30
CA LEU A 66 13.24 5.23 -32.09
C LEU A 66 12.60 6.24 -31.15
N GLY A 67 11.29 6.11 -30.96
CA GLY A 67 10.56 6.95 -30.02
C GLY A 67 10.54 6.33 -28.62
N ARG A 68 9.90 7.03 -27.70
CA ARG A 68 9.76 6.58 -26.33
C ARG A 68 9.08 5.21 -26.30
N GLU A 69 9.62 4.34 -25.45
CA GLU A 69 9.20 2.95 -25.22
C GLU A 69 9.58 1.93 -26.31
N SER A 70 10.36 2.37 -27.31
CA SER A 70 10.99 1.42 -28.24
C SER A 70 11.80 0.40 -27.45
N SER A 71 11.57 -0.90 -27.71
CA SER A 71 12.32 -1.93 -27.00
C SER A 71 13.60 -2.25 -27.78
N VAL A 72 14.71 -2.21 -27.07
CA VAL A 72 16.02 -2.31 -27.67
C VAL A 72 17.01 -3.20 -26.88
N ILE A 73 17.93 -3.80 -27.62
CA ILE A 73 19.14 -4.39 -27.03
C ILE A 73 20.32 -3.60 -27.55
N VAL A 74 21.16 -3.16 -26.63
CA VAL A 74 22.29 -2.29 -26.96
C VAL A 74 23.59 -2.93 -26.47
N GLU A 75 24.52 -3.23 -27.36
CA GLU A 75 25.86 -3.63 -26.90
C GLU A 75 26.89 -2.54 -27.19
N GLY A 76 27.79 -2.33 -26.25
CA GLY A 76 28.80 -1.29 -26.38
C GLY A 76 29.78 -1.28 -25.24
N ILE A 77 30.69 -0.31 -25.30
CA ILE A 77 31.76 -0.15 -24.33
C ILE A 77 31.45 1.00 -23.40
N VAL A 78 31.57 0.75 -22.10
CA VAL A 78 31.36 1.78 -21.09
C VAL A 78 32.50 2.78 -21.16
N LYS A 79 32.15 4.07 -21.10
CA LYS A 79 33.15 5.10 -20.99
C LYS A 79 32.83 6.01 -19.80
N ALA A 80 33.79 6.16 -18.90
CA ALA A 80 33.65 7.09 -17.78
C ALA A 80 33.67 8.52 -18.31
N ASP A 81 32.68 9.30 -17.92
CA ASP A 81 32.56 10.69 -18.35
C ASP A 81 31.68 11.41 -17.36
N GLU A 82 32.27 12.38 -16.68
CA GLU A 82 31.58 13.13 -15.63
C GLU A 82 30.34 13.87 -16.13
N ARG A 83 30.24 14.05 -17.44
CA ARG A 83 29.11 14.74 -18.03
C ARG A 83 27.89 13.86 -18.24
N ALA A 84 28.10 12.56 -18.39
CA ALA A 84 26.98 11.64 -18.62
C ALA A 84 26.23 11.32 -17.32
N PRO A 85 24.96 10.94 -17.43
CA PRO A 85 24.19 10.47 -16.28
C PRO A 85 24.88 9.29 -15.58
N GLY A 86 25.07 9.43 -14.27
CA GLY A 86 25.75 8.40 -13.49
C GLY A 86 27.24 8.42 -13.65
N GLY A 87 27.77 9.41 -14.37
CA GLY A 87 29.20 9.51 -14.67
C GLY A 87 29.79 8.48 -15.64
N ALA A 88 28.93 7.80 -16.39
CA ALA A 88 29.33 6.77 -17.36
C ALA A 88 28.28 6.60 -18.44
N GLU A 89 28.74 6.49 -19.68
CA GLU A 89 27.85 6.27 -20.82
C GLU A 89 28.30 5.05 -21.60
N VAL A 90 27.45 4.58 -22.51
CA VAL A 90 27.83 3.41 -23.32
C VAL A 90 28.06 3.87 -24.75
N HIS A 91 29.25 3.59 -25.29
CA HIS A 91 29.47 3.85 -26.70
C HIS A 91 28.99 2.67 -27.51
N VAL A 92 27.88 2.85 -28.21
CA VAL A 92 27.18 1.77 -28.90
C VAL A 92 27.98 1.14 -30.05
N GLU A 93 28.13 -0.18 -29.99
CA GLU A 93 28.75 -0.94 -31.09
C GLU A 93 27.65 -1.61 -31.92
N LYS A 94 26.61 -2.09 -31.23
CA LYS A 94 25.54 -2.82 -31.88
C LYS A 94 24.20 -2.39 -31.29
N LEU A 95 23.21 -2.22 -32.16
CA LEU A 95 21.88 -1.86 -31.74
C LEU A 95 20.90 -2.82 -32.36
N GLU A 96 20.18 -3.57 -31.52
CA GLU A 96 19.07 -4.40 -32.00
C GLU A 96 17.74 -3.81 -31.59
N VAL A 97 16.96 -3.43 -32.59
CA VAL A 97 15.65 -2.87 -32.33
C VAL A 97 14.67 -4.04 -32.25
N ILE A 98 14.12 -4.27 -31.07
CA ILE A 98 13.10 -5.31 -30.93
C ILE A 98 11.77 -4.80 -31.46
N GLN A 99 11.28 -3.69 -30.91
CA GLN A 99 10.13 -3.04 -31.48
C GLN A 99 10.25 -1.53 -31.41
N ALA A 100 10.16 -0.87 -32.56
CA ALA A 100 10.16 0.60 -32.58
C ALA A 100 8.76 1.13 -32.20
N VAL A 101 8.73 2.23 -31.45
CA VAL A 101 7.47 2.82 -30.99
C VAL A 101 7.57 4.32 -31.24
N SER A 102 6.49 4.94 -31.67
CA SER A 102 6.52 6.39 -31.85
C SER A 102 5.33 7.10 -31.20
N GLU A 103 4.34 6.33 -30.76
CA GLU A 103 3.11 6.91 -30.21
C GLU A 103 2.68 6.35 -28.85
N PHE A 104 3.61 6.27 -27.91
CA PHE A 104 3.24 5.83 -26.56
C PHE A 104 2.22 6.82 -25.99
N PRO A 105 1.03 6.35 -25.58
CA PRO A 105 -0.05 7.25 -25.16
C PRO A 105 0.04 7.89 -23.78
N ILE A 106 1.06 7.54 -23.00
CA ILE A 106 1.29 8.27 -21.74
C ILE A 106 2.33 9.34 -22.06
N PRO A 107 2.05 10.60 -21.71
CA PRO A 107 3.00 11.70 -21.91
C PRO A 107 4.31 11.52 -21.12
N GLU A 108 5.37 12.19 -21.58
CA GLU A 108 6.70 12.10 -20.95
C GLU A 108 6.66 12.45 -19.45
N ASN A 109 5.85 13.46 -19.11
CA ASN A 109 5.44 13.70 -17.74
C ASN A 109 3.95 13.34 -17.62
N PRO A 110 3.67 12.14 -17.10
CA PRO A 110 2.30 11.66 -16.89
C PRO A 110 1.35 12.65 -16.25
N GLU A 111 1.84 13.47 -15.32
CA GLU A 111 0.96 14.42 -14.65
C GLU A 111 0.52 15.59 -15.53
N GLN A 112 0.88 15.54 -16.81
CA GLN A 112 0.33 16.47 -17.80
C GLN A 112 -0.90 15.90 -18.47
N ALA A 113 -1.21 14.65 -18.14
CA ALA A 113 -2.43 14.00 -18.61
C ALA A 113 -3.52 14.08 -17.55
N SER A 114 -4.78 14.02 -17.99
CA SER A 114 -5.91 13.78 -17.09
C SER A 114 -5.68 12.47 -16.33
N PRO A 115 -5.91 12.46 -15.01
CA PRO A 115 -5.84 11.20 -14.24
C PRO A 115 -6.73 10.11 -14.85
N GLU A 116 -7.80 10.51 -15.54
CA GLU A 116 -8.69 9.54 -16.16
C GLU A 116 -8.04 8.84 -17.36
N LEU A 117 -7.20 9.57 -18.10
CA LEU A 117 -6.41 8.97 -19.18
C LEU A 117 -5.42 7.96 -18.60
N LEU A 118 -4.71 8.35 -17.54
CA LEU A 118 -3.75 7.46 -16.88
C LEU A 118 -4.39 6.17 -16.39
N LEU A 119 -5.59 6.27 -15.80
CA LEU A 119 -6.34 5.10 -15.38
C LEU A 119 -6.87 4.30 -16.57
N ASP A 120 -7.30 4.96 -17.64
CA ASP A 120 -7.74 4.26 -18.86
C ASP A 120 -6.60 3.41 -19.37
N TYR A 121 -5.39 3.95 -19.26
CA TYR A 121 -4.17 3.26 -19.70
C TYR A 121 -3.30 2.79 -18.53
N ARG A 122 -3.95 2.37 -17.45
CA ARG A 122 -3.22 2.00 -16.23
C ARG A 122 -2.11 0.98 -16.48
N HIS A 123 -2.38 0.03 -17.38
CA HIS A 123 -1.39 -0.99 -17.76
C HIS A 123 -0.10 -0.40 -18.34
N LEU A 124 -0.20 0.79 -18.91
CA LEU A 124 0.96 1.48 -19.52
C LEU A 124 1.54 2.47 -18.52
N HIS A 125 0.64 3.09 -17.75
CA HIS A 125 1.05 4.03 -16.72
C HIS A 125 2.02 3.43 -15.68
N ILE A 126 1.80 2.18 -15.31
CA ILE A 126 2.59 1.56 -14.23
C ILE A 126 4.08 1.40 -14.58
N ARG A 127 4.45 1.43 -15.87
CA ARG A 127 5.87 1.27 -16.19
C ARG A 127 6.66 2.56 -16.04
N THR A 128 5.96 3.68 -15.86
CA THR A 128 6.60 5.00 -15.77
C THR A 128 7.26 5.20 -14.38
N PRO A 129 8.30 6.05 -14.29
CA PRO A 129 9.16 6.10 -13.09
C PRO A 129 8.44 6.36 -11.77
N LYS A 130 7.59 7.38 -11.69
CA LYS A 130 6.86 7.65 -10.44
C LYS A 130 5.92 6.53 -10.04
N ALA A 131 5.19 5.99 -11.02
CA ALA A 131 4.25 4.92 -10.75
C ALA A 131 5.02 3.67 -10.29
N SER A 132 6.10 3.34 -11.00
CA SER A 132 6.99 2.25 -10.59
C SER A 132 7.59 2.48 -9.19
N ALA A 133 7.91 3.74 -8.89
CA ALA A 133 8.45 4.12 -7.56
C ALA A 133 7.48 3.76 -6.43
N ILE A 134 6.21 4.02 -6.65
CA ILE A 134 5.17 3.69 -5.69
C ILE A 134 5.14 2.18 -5.42
N MET A 135 5.23 1.39 -6.48
CA MET A 135 5.27 -0.08 -6.30
C MET A 135 6.52 -0.58 -5.54
N LYS A 136 7.65 0.07 -5.75
CA LYS A 136 8.87 -0.28 -5.00
C LYS A 136 8.73 0.05 -3.52
N VAL A 137 8.17 1.21 -3.25
CA VAL A 137 7.86 1.57 -1.84
C VAL A 137 6.89 0.57 -1.21
N LYS A 138 5.84 0.19 -1.95
CA LYS A 138 4.83 -0.75 -1.45
C LYS A 138 5.49 -2.10 -1.10
N GLU A 139 6.29 -2.65 -2.01
CA GLU A 139 6.90 -3.98 -1.76
C GLU A 139 7.85 -3.89 -0.57
N THR A 140 8.46 -2.72 -0.38
CA THR A 140 9.46 -2.56 0.68
C THR A 140 8.77 -2.47 2.05
N LEU A 141 7.69 -1.69 2.12
CA LEU A 141 6.90 -1.64 3.38
C LEU A 141 6.43 -3.07 3.77
N ILE A 142 5.97 -3.82 2.79
CA ILE A 142 5.47 -5.17 3.07
C ILE A 142 6.60 -6.11 3.48
N MET A 143 7.75 -6.02 2.79
CA MET A 143 8.90 -6.84 3.16
C MET A 143 9.30 -6.50 4.61
N ALA A 144 9.30 -5.21 4.93
CA ALA A 144 9.61 -4.78 6.29
C ALA A 144 8.64 -5.40 7.30
N ALA A 145 7.34 -5.40 6.98
CA ALA A 145 6.34 -6.01 7.88
C ALA A 145 6.69 -7.47 8.14
N ARG A 146 7.06 -8.19 7.07
CA ARG A 146 7.33 -9.62 7.19
C ARG A 146 8.58 -9.87 8.04
N GLU A 147 9.58 -8.97 7.91
CA GLU A 147 10.78 -9.06 8.74
C GLU A 147 10.40 -8.93 10.22
N TRP A 148 9.55 -7.94 10.53
CA TRP A 148 9.14 -7.64 11.93
C TRP A 148 8.32 -8.81 12.45
N LEU A 149 7.39 -9.29 11.64
CA LEU A 149 6.48 -10.35 12.06
C LEU A 149 7.21 -11.66 12.35
N LEU A 150 8.20 -12.00 11.50
CA LEU A 150 9.01 -13.19 11.70
C LEU A 150 9.82 -13.04 13.01
N LYS A 151 10.50 -11.91 13.15
CA LYS A 151 11.38 -11.69 14.31
C LYS A 151 10.57 -11.71 15.61
N ASP A 152 9.36 -11.18 15.58
CA ASP A 152 8.50 -11.14 16.78
C ASP A 152 7.70 -12.43 17.02
N GLY A 153 7.90 -13.42 16.15
CA GLY A 153 7.32 -14.73 16.38
C GLY A 153 5.86 -14.96 15.99
N TRP A 154 5.38 -14.26 14.97
CA TRP A 154 4.01 -14.42 14.44
C TRP A 154 4.03 -15.45 13.33
N HIS A 155 2.91 -16.13 13.18
CA HIS A 155 2.75 -17.15 12.14
C HIS A 155 1.90 -16.58 11.03
N GLU A 156 2.34 -16.78 9.78
CA GLU A 156 1.56 -16.43 8.58
C GLU A 156 0.52 -17.49 8.26
N VAL A 157 -0.71 -17.05 8.05
CA VAL A 157 -1.77 -17.98 7.57
C VAL A 157 -2.45 -17.43 6.31
N PHE A 158 -3.23 -18.28 5.65
CA PHE A 158 -3.76 -17.95 4.35
C PHE A 158 -5.26 -18.18 4.40
N PRO A 159 -5.99 -17.17 4.92
CA PRO A 159 -7.39 -17.28 5.26
C PRO A 159 -8.29 -17.23 4.02
N PRO A 160 -9.56 -17.62 4.16
CA PRO A 160 -10.46 -17.68 2.99
C PRO A 160 -10.92 -16.33 2.47
N ILE A 161 -11.17 -16.25 1.18
CA ILE A 161 -11.76 -15.07 0.57
C ILE A 161 -13.25 -15.28 0.36
N LEU A 162 -13.65 -16.47 -0.10
CA LEU A 162 -15.07 -16.78 -0.23
C LEU A 162 -15.64 -17.13 1.14
N VAL A 163 -16.61 -16.35 1.60
CA VAL A 163 -17.12 -16.45 2.97
C VAL A 163 -18.64 -16.34 3.05
N THR A 164 -19.21 -16.61 4.22
CA THR A 164 -20.66 -16.41 4.40
C THR A 164 -21.01 -15.40 5.48
N GLY A 165 -20.02 -14.75 6.08
CA GLY A 165 -20.25 -13.80 7.16
C GLY A 165 -19.79 -12.41 6.82
N ALA A 166 -20.55 -11.42 7.26
CA ALA A 166 -20.10 -10.05 7.19
C ALA A 166 -19.30 -9.78 8.46
N VAL A 167 -18.12 -9.20 8.32
CA VAL A 167 -17.28 -8.82 9.44
C VAL A 167 -17.52 -7.35 9.71
N GLU A 168 -17.70 -6.59 8.64
CA GLU A 168 -17.73 -5.14 8.73
C GLU A 168 -19.00 -4.53 8.14
N GLY A 169 -20.12 -5.26 8.30
CA GLY A 169 -21.48 -4.76 7.95
C GLY A 169 -21.98 -5.22 6.59
N GLY A 170 -23.29 -5.31 6.42
CA GLY A 170 -23.88 -5.77 5.17
C GLY A 170 -23.80 -4.79 4.00
N ALA A 171 -23.72 -3.50 4.31
CA ALA A 171 -23.73 -2.45 3.29
C ALA A 171 -22.57 -2.52 2.27
N THR A 172 -21.39 -3.02 2.67
CA THR A 172 -20.23 -3.10 1.74
C THR A 172 -19.90 -4.54 1.31
N LEU A 173 -20.91 -5.42 1.31
CA LEU A 173 -20.67 -6.81 0.89
C LEU A 173 -20.88 -7.02 -0.60
N PHE A 174 -19.93 -7.70 -1.24
CA PHE A 174 -20.17 -8.22 -2.58
C PHE A 174 -20.72 -9.63 -2.41
N LYS A 175 -21.76 -9.96 -3.19
CA LYS A 175 -22.39 -11.28 -3.14
C LYS A 175 -22.24 -11.91 -4.53
N LEU A 176 -22.02 -13.21 -4.58
CA LEU A 176 -21.93 -13.89 -5.88
C LEU A 176 -22.55 -15.27 -5.83
N LYS A 177 -23.01 -15.74 -6.99
CA LYS A 177 -23.47 -17.11 -7.10
C LYS A 177 -22.27 -18.05 -7.01
N TYR A 178 -22.44 -19.12 -6.24
CA TYR A 178 -21.40 -20.10 -5.98
C TYR A 178 -22.04 -21.50 -6.11
N PHE A 179 -22.04 -22.00 -7.34
CA PHE A 179 -22.69 -23.27 -7.66
C PHE A 179 -24.17 -23.21 -7.23
N ASP A 180 -24.60 -24.08 -6.32
CA ASP A 180 -25.99 -24.09 -5.85
C ASP A 180 -26.22 -23.17 -4.65
N LYS A 181 -25.22 -22.35 -4.34
CA LYS A 181 -25.26 -21.51 -3.15
C LYS A 181 -24.90 -20.08 -3.50
N TYR A 182 -24.82 -19.24 -2.47
CA TYR A 182 -24.31 -17.89 -2.63
C TYR A 182 -23.15 -17.66 -1.67
N ALA A 183 -22.20 -16.83 -2.09
CA ALA A 183 -21.04 -16.52 -1.27
C ALA A 183 -20.85 -15.01 -1.21
N TYR A 184 -20.05 -14.57 -0.26
CA TYR A 184 -19.63 -13.18 -0.17
C TYR A 184 -18.12 -13.11 -0.39
N LEU A 185 -17.64 -11.98 -0.90
CA LEU A 185 -16.19 -11.70 -0.86
C LEU A 185 -15.81 -11.14 0.51
N SER A 186 -14.80 -11.77 1.12
CA SER A 186 -14.30 -11.33 2.43
C SER A 186 -13.98 -9.82 2.50
N GLN A 187 -14.59 -9.17 3.48
CA GLN A 187 -14.24 -7.79 3.86
C GLN A 187 -12.97 -7.70 4.69
N SER A 188 -12.57 -8.81 5.31
CA SER A 188 -11.49 -8.83 6.32
C SER A 188 -11.35 -10.28 6.75
N ALA A 189 -10.11 -10.72 6.99
CA ALA A 189 -9.88 -12.10 7.41
C ALA A 189 -9.99 -12.32 8.92
N GLN A 190 -10.37 -11.27 9.64
CA GLN A 190 -10.30 -11.29 11.10
C GLN A 190 -10.93 -12.51 11.77
N LEU A 191 -12.17 -12.83 11.38
CA LEU A 191 -12.90 -13.90 12.08
C LEU A 191 -12.15 -15.24 11.99
N TYR A 192 -11.53 -15.47 10.83
CA TYR A 192 -10.72 -16.66 10.61
C TYR A 192 -9.39 -16.63 11.37
N LEU A 193 -8.79 -15.45 11.50
CA LEU A 193 -7.56 -15.31 12.30
C LEU A 193 -7.89 -15.65 13.76
N GLU A 194 -9.07 -15.23 14.22
CA GLU A 194 -9.51 -15.56 15.58
C GLU A 194 -9.61 -17.06 15.79
N ALA A 195 -10.01 -17.80 14.78
CA ALA A 195 -10.05 -19.27 14.90
C ALA A 195 -8.63 -19.82 14.96
N ALA A 196 -7.73 -19.19 14.19
CA ALA A 196 -6.36 -19.66 14.02
C ALA A 196 -5.48 -19.42 15.25
N ILE A 197 -5.79 -18.39 16.07
CA ILE A 197 -4.99 -18.15 17.30
C ILE A 197 -5.06 -19.34 18.27
N PHE A 198 -6.13 -20.14 18.22
CA PHE A 198 -6.22 -21.29 19.13
C PHE A 198 -5.22 -22.39 18.87
N GLY A 199 -4.72 -22.46 17.64
CA GLY A 199 -3.61 -23.38 17.35
C GLY A 199 -2.25 -22.70 17.32
N LEU A 200 -2.21 -21.44 16.84
CA LEU A 200 -0.93 -20.80 16.55
C LEU A 200 -0.59 -19.56 17.40
N GLU A 201 -1.55 -19.15 18.24
CA GLU A 201 -1.43 -18.02 19.21
C GLU A 201 -1.23 -16.62 18.63
N LYS A 202 -0.21 -16.44 17.80
CA LYS A 202 0.07 -15.14 17.18
C LYS A 202 0.05 -15.35 15.67
N VAL A 203 -0.95 -14.78 15.03
CA VAL A 203 -1.15 -15.03 13.58
C VAL A 203 -1.31 -13.73 12.80
N TRP A 204 -1.04 -13.82 11.49
CA TRP A 204 -1.20 -12.71 10.61
C TRP A 204 -1.49 -13.17 9.19
N SER A 205 -2.05 -12.27 8.41
CA SER A 205 -2.32 -12.59 7.00
C SER A 205 -2.27 -11.30 6.20
N LEU A 206 -1.90 -11.44 4.92
CA LEU A 206 -2.01 -10.33 3.98
C LEU A 206 -2.89 -10.82 2.84
N THR A 207 -4.08 -10.23 2.72
CA THR A 207 -5.09 -10.72 1.75
C THR A 207 -5.75 -9.52 1.07
N PRO A 208 -6.32 -9.73 -0.12
CA PRO A 208 -7.16 -8.71 -0.68
C PRO A 208 -8.49 -8.76 0.08
N SER A 209 -8.96 -7.59 0.51
CA SER A 209 -10.28 -7.46 1.13
C SER A 209 -11.18 -6.65 0.18
N PHE A 210 -12.51 -6.88 0.27
CA PHE A 210 -13.46 -6.40 -0.72
C PHE A 210 -14.54 -5.59 -0.02
N ARG A 211 -14.74 -4.37 -0.50
CA ARG A 211 -15.73 -3.45 0.11
C ARG A 211 -16.55 -2.80 -0.99
N ALA A 212 -17.83 -3.13 -1.02
CA ALA A 212 -18.77 -2.56 -2.00
C ALA A 212 -19.19 -1.18 -1.52
N GLU A 213 -18.20 -0.29 -1.47
CA GLU A 213 -18.39 1.06 -0.94
C GLU A 213 -18.79 1.97 -2.11
N LYS A 214 -20.01 2.51 -2.06
CA LYS A 214 -20.54 3.36 -3.15
C LYS A 214 -19.90 4.75 -3.18
N SER A 215 -19.53 5.25 -2.01
CA SER A 215 -18.93 6.58 -1.92
C SER A 215 -17.53 6.61 -2.55
N ARG A 216 -17.32 7.53 -3.49
CA ARG A 216 -16.07 7.57 -4.26
C ARG A 216 -15.06 8.53 -3.67
N THR A 217 -14.48 8.17 -2.53
CA THR A 217 -13.58 9.06 -1.80
C THR A 217 -12.14 8.78 -2.23
N ARG A 218 -11.21 9.59 -1.74
CA ARG A 218 -9.80 9.38 -2.01
C ARG A 218 -9.13 8.44 -1.00
N ARG A 219 -9.93 7.84 -0.11
CA ARG A 219 -9.40 6.87 0.88
C ARG A 219 -10.04 5.48 0.78
N HIS A 220 -10.90 5.27 -0.24
CA HIS A 220 -11.60 4.02 -0.38
C HIS A 220 -11.34 3.38 -1.74
N LEU A 221 -11.04 2.08 -1.71
CA LEU A 221 -11.07 1.27 -2.91
C LEU A 221 -12.14 0.21 -2.67
N THR A 222 -12.58 -0.49 -3.73
CA THR A 222 -13.53 -1.61 -3.55
C THR A 222 -12.77 -2.92 -3.33
N GLU A 223 -11.46 -2.86 -3.55
CA GLU A 223 -10.55 -4.00 -3.33
C GLU A 223 -9.24 -3.38 -2.82
N PHE A 224 -8.74 -3.87 -1.69
CA PHE A 224 -7.51 -3.32 -1.10
C PHE A 224 -6.71 -4.40 -0.38
N TRP A 225 -5.44 -4.15 -0.12
CA TRP A 225 -4.61 -5.17 0.51
C TRP A 225 -4.58 -4.89 2.01
N HIS A 226 -4.85 -5.95 2.78
CA HIS A 226 -5.24 -5.79 4.17
C HIS A 226 -4.28 -6.65 4.98
N LEU A 227 -3.43 -6.01 5.78
CA LEU A 227 -2.49 -6.75 6.61
C LEU A 227 -3.12 -6.85 8.00
N GLU A 228 -3.37 -8.07 8.45
CA GLU A 228 -4.16 -8.24 9.67
C GLU A 228 -3.42 -9.12 10.65
N LEU A 229 -3.46 -8.75 11.93
CA LEU A 229 -2.82 -9.53 13.01
C LEU A 229 -3.90 -9.89 14.02
N GLU A 230 -3.76 -11.06 14.65
CA GLU A 230 -4.63 -11.45 15.80
C GLU A 230 -3.77 -12.22 16.80
N ALA A 231 -3.95 -11.95 18.10
CA ALA A 231 -3.12 -12.59 19.12
C ALA A 231 -3.91 -13.00 20.34
N ALA A 232 -3.80 -14.28 20.69
CA ALA A 232 -4.25 -14.77 21.99
C ALA A 232 -3.56 -13.99 23.11
N TRP A 233 -4.26 -13.85 24.24
CA TRP A 233 -3.74 -13.33 25.51
C TRP A 233 -3.66 -11.80 25.56
N MET A 234 -3.60 -11.14 24.41
CA MET A 234 -3.37 -9.69 24.32
C MET A 234 -4.63 -8.92 24.49
N ASP A 235 -4.58 -7.85 25.29
CA ASP A 235 -5.72 -6.93 25.39
C ASP A 235 -5.50 -5.75 24.45
N LEU A 236 -6.37 -4.76 24.54
CA LEU A 236 -6.29 -3.61 23.63
C LEU A 236 -4.95 -2.90 23.73
N TRP A 237 -4.46 -2.68 24.95
CA TRP A 237 -3.23 -1.91 25.19
C TRP A 237 -2.05 -2.68 24.61
N ASP A 238 -2.09 -3.99 24.79
CA ASP A 238 -1.09 -4.87 24.20
C ASP A 238 -1.08 -4.74 22.68
N ILE A 239 -2.25 -4.83 22.06
CA ILE A 239 -2.30 -4.79 20.58
C ILE A 239 -1.86 -3.41 20.05
N MET A 240 -2.11 -2.35 20.84
CA MET A 240 -1.69 -1.01 20.41
C MET A 240 -0.17 -0.94 20.37
N LYS A 241 0.52 -1.55 21.35
CA LYS A 241 1.98 -1.62 21.32
C LYS A 241 2.48 -2.35 20.07
N VAL A 242 1.86 -3.48 19.74
CA VAL A 242 2.20 -4.24 18.52
C VAL A 242 2.07 -3.34 17.31
N GLU A 243 0.95 -2.63 17.23
CA GLU A 243 0.68 -1.75 16.10
C GLU A 243 1.77 -0.68 15.90
N GLU A 244 2.15 0.02 16.97
CA GLU A 244 3.16 1.07 16.85
C GLU A 244 4.53 0.51 16.54
N GLU A 245 4.86 -0.67 17.08
CA GLU A 245 6.16 -1.27 16.83
C GLU A 245 6.25 -1.69 15.35
N LEU A 246 5.19 -2.33 14.88
CA LEU A 246 5.13 -2.79 13.48
C LEU A 246 5.20 -1.62 12.51
N VAL A 247 4.31 -0.65 12.70
CA VAL A 247 4.27 0.51 11.79
C VAL A 247 5.57 1.28 11.77
N SER A 248 6.16 1.49 12.95
CA SER A 248 7.45 2.17 13.05
C SER A 248 8.52 1.41 12.31
N TYR A 249 8.59 0.10 12.52
CA TYR A 249 9.60 -0.69 11.81
C TYR A 249 9.38 -0.60 10.27
N MET A 250 8.15 -0.78 9.81
CA MET A 250 7.81 -0.64 8.39
C MET A 250 8.32 0.72 7.83
N VAL A 251 8.00 1.81 8.54
CA VAL A 251 8.33 3.16 8.05
C VAL A 251 9.83 3.38 8.07
N GLN A 252 10.50 3.03 9.18
CA GLN A 252 11.95 3.24 9.33
C GLN A 252 12.75 2.39 8.36
N ARG A 253 12.37 1.12 8.20
CA ARG A 253 12.97 0.26 7.20
C ARG A 253 12.80 0.81 5.75
N THR A 254 11.62 1.34 5.43
CA THR A 254 11.37 1.87 4.09
C THR A 254 12.15 3.20 3.90
N LEU A 255 12.22 4.01 4.95
CA LEU A 255 13.13 5.20 4.91
C LEU A 255 14.59 4.85 4.60
N GLU A 256 15.06 3.79 5.24
CA GLU A 256 16.43 3.31 5.06
C GLU A 256 16.70 2.88 3.61
N LEU A 257 15.74 2.15 3.02
CA LEU A 257 15.93 1.50 1.73
C LEU A 257 15.46 2.30 0.52
N ARG A 258 14.42 3.10 0.69
CA ARG A 258 13.70 3.75 -0.41
C ARG A 258 13.69 5.27 -0.29
N LYS A 259 14.74 5.84 0.30
CA LYS A 259 14.82 7.31 0.43
C LYS A 259 14.66 7.99 -0.93
N LYS A 260 15.35 7.48 -1.93
CA LYS A 260 15.28 8.05 -3.28
C LYS A 260 13.84 8.11 -3.79
N GLU A 261 13.13 6.97 -3.71
CA GLU A 261 11.73 6.95 -4.11
C GLU A 261 10.88 7.92 -3.29
N ILE A 262 11.07 7.95 -1.97
CA ILE A 262 10.19 8.76 -1.14
C ILE A 262 10.39 10.26 -1.50
N GLU A 263 11.62 10.64 -1.80
CA GLU A 263 11.97 12.03 -2.13
C GLU A 263 11.41 12.51 -3.47
N MET A 264 10.97 11.57 -4.33
CA MET A 264 10.20 11.95 -5.54
C MET A 264 8.83 12.47 -5.18
N PHE A 265 8.37 12.14 -3.98
CA PHE A 265 6.98 12.44 -3.57
C PHE A 265 6.84 13.43 -2.40
N ARG A 266 7.91 13.59 -1.63
CA ARG A 266 7.90 14.44 -0.42
C ARG A 266 9.03 15.43 -0.41
N ASP A 267 8.70 16.69 -0.07
CA ASP A 267 9.71 17.71 0.27
C ASP A 267 10.16 17.59 1.72
N ASP A 268 9.31 17.01 2.55
CA ASP A 268 9.53 16.99 4.00
C ASP A 268 9.30 15.57 4.54
N LEU A 269 10.37 14.98 5.11
CA LEU A 269 10.31 13.63 5.64
C LEU A 269 10.04 13.59 7.15
N THR A 270 9.81 14.76 7.75
CA THR A 270 9.69 14.91 9.21
C THR A 270 8.75 13.90 9.87
N THR A 271 7.50 13.85 9.41
CA THR A 271 6.52 12.94 10.04
C THR A 271 6.94 11.47 9.94
N LEU A 272 7.66 11.10 8.87
CA LEU A 272 8.17 9.74 8.72
C LEU A 272 9.30 9.46 9.71
N LYS A 273 10.24 10.40 9.81
CA LYS A 273 11.33 10.31 10.79
C LYS A 273 10.79 10.22 12.21
N ASN A 274 9.70 10.95 12.46
CA ASN A 274 9.04 10.94 13.77
C ASN A 274 8.33 9.63 14.11
N THR A 275 8.24 8.71 13.17
CA THR A 275 7.40 7.52 13.34
C THR A 275 8.15 6.40 14.07
N GLU A 276 8.21 6.55 15.40
CA GLU A 276 8.87 5.61 16.32
C GLU A 276 7.99 5.59 17.58
N PRO A 277 7.94 4.47 18.31
CA PRO A 277 7.13 4.40 19.54
C PRO A 277 7.74 5.29 20.62
N PRO A 278 6.97 5.76 21.61
CA PRO A 278 5.51 5.60 21.67
C PRO A 278 4.77 6.65 20.84
N PHE A 279 3.76 6.20 20.11
CA PHE A 279 2.86 7.10 19.40
C PHE A 279 1.95 7.76 20.45
N PRO A 280 1.57 9.01 20.20
CA PRO A 280 0.58 9.71 21.04
C PRO A 280 -0.73 8.94 21.08
N ARG A 281 -1.37 8.92 22.25
CA ARG A 281 -2.67 8.23 22.37
C ARG A 281 -3.64 9.20 22.99
N ILE A 282 -4.78 9.42 22.34
CA ILE A 282 -5.89 10.15 22.94
C ILE A 282 -7.16 9.31 22.95
N SER A 283 -8.01 9.52 23.95
CA SER A 283 -9.31 8.89 23.95
C SER A 283 -10.20 9.55 22.93
N TYR A 284 -11.23 8.82 22.52
CA TYR A 284 -12.30 9.37 21.72
C TYR A 284 -12.90 10.61 22.44
N ASP A 285 -12.94 10.57 23.78
CA ASP A 285 -13.51 11.72 24.53
C ASP A 285 -12.66 12.96 24.27
N GLU A 286 -11.33 12.79 24.36
CA GLU A 286 -10.40 13.86 24.08
C GLU A 286 -10.54 14.32 22.64
N ALA A 287 -10.70 13.37 21.71
CA ALA A 287 -10.86 13.70 20.28
C ALA A 287 -12.07 14.63 20.06
N ILE A 288 -13.21 14.29 20.67
CA ILE A 288 -14.40 15.15 20.63
C ILE A 288 -14.09 16.55 21.19
N ASP A 289 -13.39 16.60 22.33
CA ASP A 289 -13.04 17.88 22.97
C ASP A 289 -12.16 18.75 22.09
N ILE A 290 -11.12 18.14 21.51
CA ILE A 290 -10.25 18.81 20.52
C ILE A 290 -11.07 19.34 19.34
N LEU A 291 -11.86 18.47 18.72
CA LEU A 291 -12.70 18.88 17.59
C LEU A 291 -13.64 20.05 17.93
N GLN A 292 -14.35 19.95 19.06
CA GLN A 292 -15.25 21.02 19.51
C GLN A 292 -14.47 22.30 19.78
N SER A 293 -13.26 22.17 20.33
CA SER A 293 -12.40 23.33 20.59
C SER A 293 -11.95 24.06 19.30
N LYS A 294 -11.89 23.33 18.19
CA LYS A 294 -11.56 23.93 16.89
C LYS A 294 -12.79 24.32 16.08
N GLY A 295 -13.96 24.27 16.72
CA GLY A 295 -15.19 24.74 16.11
C GLY A 295 -15.95 23.72 15.29
N VAL A 296 -15.57 22.44 15.40
CA VAL A 296 -16.29 21.38 14.69
C VAL A 296 -17.54 20.97 15.46
N ASN A 297 -18.67 20.90 14.76
CA ASN A 297 -19.97 20.59 15.36
C ASN A 297 -20.11 19.09 15.48
N VAL A 298 -19.34 18.53 16.40
CA VAL A 298 -19.39 17.10 16.66
C VAL A 298 -19.85 16.90 18.11
N GLU A 299 -20.60 15.82 18.33
CA GLU A 299 -21.12 15.53 19.66
C GLU A 299 -20.66 14.15 20.09
N TRP A 300 -20.46 13.94 21.39
CA TRP A 300 -20.13 12.60 21.86
C TRP A 300 -21.18 11.60 21.35
N GLY A 301 -20.69 10.53 20.70
CA GLY A 301 -21.53 9.47 20.16
C GLY A 301 -21.49 9.49 18.64
N ASP A 302 -21.10 10.65 18.09
CA ASP A 302 -21.02 10.82 16.63
C ASP A 302 -19.85 10.04 16.08
N ASP A 303 -20.04 9.55 14.85
CA ASP A 303 -18.98 8.96 14.08
C ASP A 303 -17.91 9.99 13.69
N LEU A 304 -16.64 9.60 13.78
CA LEU A 304 -15.57 10.44 13.25
C LEU A 304 -15.34 10.06 11.79
N GLY A 305 -15.82 10.89 10.88
CA GLY A 305 -15.64 10.68 9.45
C GLY A 305 -14.27 11.20 8.99
N ALA A 306 -14.01 11.08 7.70
CA ALA A 306 -12.74 11.55 7.12
C ALA A 306 -12.42 13.03 7.48
N ASP A 307 -13.44 13.88 7.45
CA ASP A 307 -13.24 15.32 7.72
C ASP A 307 -12.87 15.60 9.17
N GLU A 308 -13.48 14.87 10.10
CA GLU A 308 -13.15 14.99 11.51
C GLU A 308 -11.73 14.53 11.77
N GLU A 309 -11.38 13.35 11.24
CA GLU A 309 -10.02 12.86 11.35
C GLU A 309 -9.03 13.88 10.81
N ARG A 310 -9.36 14.49 9.67
CA ARG A 310 -8.43 15.44 9.03
C ARG A 310 -8.09 16.57 9.98
N VAL A 311 -9.12 17.15 10.60
CA VAL A 311 -8.94 18.27 11.55
C VAL A 311 -8.17 17.81 12.77
N LEU A 312 -8.51 16.63 13.29
CA LEU A 312 -7.79 16.06 14.42
C LEU A 312 -6.27 15.92 14.17
N THR A 313 -5.89 15.54 12.95
CA THR A 313 -4.46 15.34 12.63
C THR A 313 -3.64 16.61 12.76
N GLU A 314 -4.30 17.77 12.73
CA GLU A 314 -3.60 19.07 12.80
C GLU A 314 -2.78 19.18 14.09
N GLU A 315 -3.14 18.40 15.09
CA GLU A 315 -2.53 18.48 16.42
C GLU A 315 -1.36 17.50 16.61
N PHE A 316 -1.01 16.77 15.55
CA PHE A 316 -0.04 15.66 15.63
C PHE A 316 1.00 15.70 14.53
N ASP A 317 2.21 15.24 14.84
CA ASP A 317 3.30 15.27 13.86
C ASP A 317 3.87 13.85 13.59
N ARG A 318 3.07 12.85 13.91
CA ARG A 318 3.42 11.42 13.66
C ARG A 318 2.10 10.66 13.81
N PRO A 319 2.07 9.36 13.47
CA PRO A 319 0.84 8.57 13.65
C PRO A 319 0.44 8.56 15.13
N PHE A 320 -0.85 8.47 15.41
CA PHE A 320 -1.40 8.55 16.77
C PHE A 320 -2.64 7.70 16.89
N PHE A 321 -2.94 7.28 18.12
CA PHE A 321 -4.08 6.43 18.38
C PHE A 321 -5.27 7.23 18.92
N VAL A 322 -6.47 6.83 18.52
CA VAL A 322 -7.69 7.24 19.19
C VAL A 322 -8.33 5.96 19.73
N TYR A 323 -8.66 5.92 21.03
CA TYR A 323 -9.19 4.71 21.65
C TYR A 323 -10.48 4.95 22.47
N GLY A 324 -11.21 3.87 22.72
CA GLY A 324 -12.42 3.92 23.56
C GLY A 324 -13.59 4.58 22.87
N TYR A 325 -13.98 4.05 21.71
CA TYR A 325 -15.08 4.58 20.94
C TYR A 325 -16.42 4.17 21.54
N PRO A 326 -17.45 4.99 21.30
CA PRO A 326 -18.83 4.63 21.65
C PRO A 326 -19.19 3.27 21.07
N LYS A 327 -19.79 2.41 21.88
CA LYS A 327 -20.11 1.04 21.45
C LYS A 327 -20.95 0.97 20.16
N HIS A 328 -21.92 1.88 20.01
CA HIS A 328 -22.90 1.72 18.95
C HIS A 328 -22.55 2.29 17.56
N ILE A 329 -21.35 2.87 17.44
CA ILE A 329 -20.81 3.18 16.12
C ILE A 329 -19.67 2.24 15.76
N LYS A 330 -19.60 1.11 16.47
CA LYS A 330 -18.47 0.19 16.33
C LYS A 330 -18.98 -1.22 16.09
N ALA A 331 -18.10 -2.07 15.54
CA ALA A 331 -18.46 -3.42 15.08
C ALA A 331 -18.99 -4.34 16.18
N PHE A 332 -19.84 -5.30 15.78
CA PHE A 332 -20.48 -6.23 16.72
C PHE A 332 -19.54 -7.06 17.60
N TYR A 333 -18.33 -7.32 17.10
CA TYR A 333 -17.37 -8.23 17.80
C TYR A 333 -16.50 -7.58 18.86
N MET A 334 -16.60 -6.26 19.03
CA MET A 334 -15.67 -5.60 19.91
C MET A 334 -16.08 -5.70 21.37
N LYS A 335 -15.08 -5.88 22.23
CA LYS A 335 -15.28 -6.03 23.67
C LYS A 335 -15.69 -4.70 24.31
N GLU A 336 -16.74 -4.72 25.15
CA GLU A 336 -17.05 -3.53 25.98
C GLU A 336 -15.91 -3.16 26.90
N ASP A 337 -15.78 -1.86 27.13
CA ASP A 337 -14.91 -1.37 28.17
C ASP A 337 -15.59 -1.74 29.53
N PRO A 338 -14.91 -2.54 30.37
CA PRO A 338 -15.53 -3.02 31.61
C PRO A 338 -15.71 -1.86 32.59
N ASN A 339 -14.80 -0.87 32.51
CA ASN A 339 -14.89 0.37 33.31
C ASN A 339 -16.05 1.28 32.87
N ASP A 340 -16.43 1.18 31.61
CA ASP A 340 -17.51 2.01 31.07
C ASP A 340 -18.15 1.34 29.86
N PRO A 341 -19.21 0.56 30.09
CA PRO A 341 -19.81 -0.25 29.01
C PRO A 341 -20.47 0.55 27.89
N ARG A 342 -20.49 1.89 27.99
CA ARG A 342 -20.96 2.73 26.88
C ARG A 342 -19.93 2.72 25.74
N LYS A 343 -18.69 2.34 26.09
CA LYS A 343 -17.56 2.31 25.16
C LYS A 343 -17.15 0.88 24.84
N VAL A 344 -16.41 0.73 23.74
CA VAL A 344 -15.71 -0.53 23.47
C VAL A 344 -14.21 -0.33 23.46
N LEU A 345 -13.48 -1.42 23.72
CA LEU A 345 -12.03 -1.45 23.73
C LEU A 345 -11.52 -1.56 22.28
N ALA A 346 -11.62 -0.44 21.59
CA ALA A 346 -11.24 -0.35 20.19
C ALA A 346 -10.30 0.80 20.05
N SER A 347 -9.43 0.74 19.05
CA SER A 347 -8.65 1.93 18.73
C SER A 347 -8.37 1.98 17.25
N ASP A 348 -8.23 3.19 16.74
CA ASP A 348 -7.79 3.39 15.36
C ASP A 348 -6.43 4.08 15.42
N MET A 349 -5.56 3.79 14.44
CA MET A 349 -4.33 4.58 14.28
C MET A 349 -4.50 5.50 13.09
N LEU A 350 -4.28 6.79 13.33
CA LEU A 350 -4.49 7.82 12.31
C LEU A 350 -3.12 8.36 11.87
N ALA A 351 -2.94 8.54 10.57
CA ALA A 351 -1.73 9.14 10.05
C ALA A 351 -1.92 10.65 10.07
N PRO A 352 -0.83 11.39 10.26
CA PRO A 352 -0.90 12.86 10.32
C PRO A 352 -1.04 13.46 8.91
N GLU A 353 -0.91 14.77 8.81
CA GLU A 353 -0.96 15.47 7.50
C GLU A 353 -2.30 15.28 6.77
N GLY A 354 -3.37 15.19 7.56
CA GLY A 354 -4.71 15.07 6.99
C GLY A 354 -5.14 13.67 6.59
N TYR A 355 -4.23 12.70 6.66
CA TYR A 355 -4.48 11.32 6.12
C TYR A 355 -5.52 10.50 6.92
N GLY A 356 -5.43 10.55 8.24
CA GLY A 356 -6.42 9.86 9.07
C GLY A 356 -6.18 8.37 9.09
N GLU A 357 -7.27 7.62 9.28
CA GLU A 357 -7.19 6.21 9.67
C GLU A 357 -6.37 5.34 8.71
N ILE A 358 -5.36 4.67 9.27
CA ILE A 358 -4.65 3.61 8.55
C ILE A 358 -4.83 2.20 9.14
N ILE A 359 -5.12 2.14 10.44
CA ILE A 359 -5.44 0.86 11.12
C ILE A 359 -6.74 1.00 11.91
N GLY A 360 -7.56 -0.04 11.88
CA GLY A 360 -8.64 -0.20 12.85
C GLY A 360 -8.45 -1.56 13.54
N GLY A 361 -8.57 -1.55 14.88
CA GLY A 361 -8.39 -2.78 15.66
C GLY A 361 -9.18 -2.70 16.99
N SER A 362 -9.19 -3.82 17.70
CA SER A 362 -9.88 -3.87 18.99
C SER A 362 -9.48 -5.11 19.73
N GLN A 363 -9.78 -5.10 21.03
CA GLN A 363 -9.94 -6.34 21.76
C GLN A 363 -11.30 -6.97 21.41
N ARG A 364 -11.35 -8.30 21.40
CA ARG A 364 -12.56 -9.00 20.92
C ARG A 364 -13.40 -9.45 22.09
N GLU A 365 -14.71 -9.51 21.89
CA GLU A 365 -15.57 -10.04 22.93
C GLU A 365 -15.22 -11.53 23.10
N ASP A 366 -14.96 -11.92 24.34
CA ASP A 366 -14.56 -13.31 24.63
C ASP A 366 -15.60 -14.09 25.43
N ASP A 367 -16.68 -13.40 25.77
CA ASP A 367 -17.82 -14.00 26.45
C ASP A 367 -18.91 -14.41 25.46
N TYR A 368 -19.29 -15.68 25.50
CA TYR A 368 -20.27 -16.26 24.60
C TYR A 368 -21.60 -15.51 24.65
N ASP A 369 -22.15 -15.33 25.85
CA ASP A 369 -23.49 -14.73 25.97
C ASP A 369 -23.48 -13.31 25.46
N LYS A 370 -22.44 -12.57 25.81
CA LYS A 370 -22.35 -11.17 25.39
C LYS A 370 -22.27 -11.07 23.86
N LEU A 371 -21.45 -11.91 23.25
CA LEU A 371 -21.31 -11.88 21.81
C LEU A 371 -22.63 -12.29 21.12
N LEU A 372 -23.26 -13.37 21.58
CA LEU A 372 -24.55 -13.77 21.01
C LEU A 372 -25.55 -12.62 21.05
N ASN A 373 -25.64 -11.98 22.20
CA ASN A 373 -26.54 -10.86 22.36
C ASN A 373 -26.25 -9.72 21.39
N ARG A 374 -24.97 -9.40 21.16
CA ARG A 374 -24.59 -8.34 20.20
C ARG A 374 -24.98 -8.72 18.75
N ILE A 375 -24.74 -9.97 18.37
CA ILE A 375 -25.17 -10.48 17.06
C ILE A 375 -26.69 -10.27 16.87
N LEU A 376 -27.48 -10.66 17.87
CA LEU A 376 -28.93 -10.53 17.82
C LEU A 376 -29.37 -9.05 17.79
N GLU A 377 -28.72 -8.22 18.61
CA GLU A 377 -29.00 -6.75 18.63
C GLU A 377 -28.72 -6.07 17.29
N GLU A 378 -27.74 -6.59 16.56
CA GLU A 378 -27.35 -6.02 15.27
C GLU A 378 -28.20 -6.57 14.11
N GLY A 379 -29.21 -7.35 14.42
CA GLY A 379 -30.08 -7.97 13.41
C GLY A 379 -29.39 -9.02 12.57
N MET A 380 -28.37 -9.65 13.15
CA MET A 380 -27.61 -10.71 12.47
C MET A 380 -28.12 -12.09 12.88
N ASP A 381 -27.99 -13.05 11.98
CA ASP A 381 -28.45 -14.42 12.24
C ASP A 381 -27.30 -15.21 12.86
N PRO A 382 -27.45 -15.63 14.12
CA PRO A 382 -26.37 -16.33 14.82
C PRO A 382 -25.95 -17.62 14.09
N LYS A 383 -26.85 -18.19 13.32
CA LYS A 383 -26.56 -19.37 12.51
C LYS A 383 -25.37 -19.16 11.55
N ASP A 384 -25.28 -17.98 10.96
CA ASP A 384 -24.18 -17.63 10.07
C ASP A 384 -22.84 -17.47 10.81
N TYR A 385 -22.90 -17.37 12.13
CA TYR A 385 -21.73 -17.10 12.97
C TYR A 385 -21.55 -18.16 14.07
N GLU A 386 -22.23 -19.30 13.93
CA GLU A 386 -22.12 -20.35 14.94
C GLU A 386 -20.66 -20.77 15.19
N TRP A 387 -19.90 -20.92 14.10
CA TRP A 387 -18.50 -21.31 14.22
C TRP A 387 -17.70 -20.26 15.00
N TYR A 388 -18.03 -18.99 14.79
CA TYR A 388 -17.35 -17.89 15.46
C TYR A 388 -17.72 -17.86 16.94
N LEU A 389 -18.99 -18.15 17.23
CA LEU A 389 -19.44 -18.32 18.61
C LEU A 389 -18.76 -19.52 19.33
N ASP A 390 -18.52 -20.60 18.57
CA ASP A 390 -17.80 -21.78 19.09
C ASP A 390 -16.47 -21.39 19.71
N LEU A 391 -15.85 -20.31 19.19
CA LEU A 391 -14.55 -19.89 19.72
C LEU A 391 -14.67 -19.35 21.16
N ARG A 392 -15.91 -19.07 21.58
CA ARG A 392 -16.21 -18.63 22.95
C ARG A 392 -16.77 -19.77 23.80
N ARG A 393 -16.81 -20.97 23.24
CA ARG A 393 -17.34 -22.15 23.95
C ARG A 393 -16.25 -23.17 24.29
N TYR A 394 -15.25 -23.26 23.42
CA TYR A 394 -14.25 -24.33 23.51
C TYR A 394 -12.87 -23.82 23.91
N GLY A 395 -12.80 -23.19 25.07
CA GLY A 395 -11.54 -22.70 25.59
C GLY A 395 -11.26 -21.25 25.20
N SER A 396 -12.27 -20.40 25.37
CA SER A 396 -12.14 -18.97 25.13
C SER A 396 -10.94 -18.37 25.88
N VAL A 397 -10.26 -17.44 25.23
CA VAL A 397 -9.17 -16.68 25.86
C VAL A 397 -9.34 -15.21 25.46
N PRO A 398 -8.87 -14.27 26.28
CA PRO A 398 -8.89 -12.85 25.86
C PRO A 398 -8.01 -12.74 24.61
N HIS A 399 -8.41 -11.93 23.65
CA HIS A 399 -7.58 -11.73 22.44
C HIS A 399 -7.99 -10.46 21.72
N SER A 400 -7.07 -9.97 20.89
CA SER A 400 -7.16 -8.67 20.23
C SER A 400 -6.44 -8.75 18.89
N GLY A 401 -6.76 -7.82 18.00
CA GLY A 401 -6.11 -7.79 16.68
C GLY A 401 -6.47 -6.51 15.95
N PHE A 402 -5.99 -6.40 14.72
CA PHE A 402 -6.16 -5.20 13.94
C PHE A 402 -5.99 -5.49 12.42
N GLY A 403 -6.43 -4.53 11.62
CA GLY A 403 -6.17 -4.53 10.17
C GLY A 403 -5.57 -3.18 9.74
N LEU A 404 -4.47 -3.26 8.98
CA LEU A 404 -3.80 -2.13 8.34
C LEU A 404 -4.14 -2.12 6.84
N GLY A 405 -4.56 -0.94 6.36
CA GLY A 405 -4.82 -0.79 4.94
C GLY A 405 -3.52 -0.40 4.26
N VAL A 406 -2.97 -1.32 3.46
CA VAL A 406 -1.63 -1.10 2.86
C VAL A 406 -1.61 0.16 1.97
N GLU A 407 -2.62 0.27 1.09
CA GLU A 407 -2.77 1.44 0.20
C GLU A 407 -2.88 2.75 0.99
N ARG A 408 -3.65 2.71 2.08
CA ARG A 408 -3.81 3.88 2.93
C ARG A 408 -2.45 4.29 3.49
N LEU A 409 -1.65 3.32 3.90
CA LEU A 409 -0.32 3.60 4.43
C LEU A 409 0.61 4.16 3.34
N VAL A 410 0.62 3.51 2.18
CA VAL A 410 1.41 4.02 1.04
C VAL A 410 1.01 5.48 0.70
N ALA A 411 -0.30 5.75 0.70
CA ALA A 411 -0.77 7.10 0.36
C ALA A 411 -0.23 8.13 1.32
N TRP A 412 -0.20 7.81 2.62
CA TRP A 412 0.42 8.74 3.57
C TRP A 412 1.94 8.87 3.40
N VAL A 413 2.65 7.74 3.36
CA VAL A 413 4.10 7.76 3.19
C VAL A 413 4.53 8.60 1.99
N LEU A 414 3.75 8.55 0.89
CA LEU A 414 4.14 9.24 -0.34
C LEU A 414 3.31 10.47 -0.66
N LYS A 415 2.53 10.94 0.34
CA LYS A 415 1.61 12.06 0.15
C LYS A 415 0.82 12.03 -1.17
N LEU A 416 0.20 10.88 -1.44
CA LEU A 416 -0.58 10.71 -2.64
C LEU A 416 -1.91 11.43 -2.49
N ASP A 417 -2.42 11.95 -3.60
CA ASP A 417 -3.68 12.69 -3.58
C ASP A 417 -4.90 11.75 -3.61
N HIS A 418 -4.66 10.45 -3.86
CA HIS A 418 -5.72 9.47 -3.93
C HIS A 418 -5.10 8.12 -3.68
N ILE A 419 -5.81 7.31 -2.91
CA ILE A 419 -5.43 5.94 -2.62
C ILE A 419 -5.27 5.05 -3.90
N ARG A 420 -6.01 5.38 -4.95
CA ARG A 420 -5.96 4.57 -6.18
C ARG A 420 -4.54 4.45 -6.71
N TRP A 421 -3.70 5.46 -6.52
CA TRP A 421 -2.36 5.39 -7.10
C TRP A 421 -1.44 4.39 -6.40
N ALA A 422 -1.85 3.91 -5.23
CA ALA A 422 -1.07 2.93 -4.46
C ALA A 422 -1.48 1.48 -4.78
N ALA A 423 -2.47 1.31 -5.64
CA ALA A 423 -2.87 -0.02 -6.09
C ALA A 423 -2.34 -0.26 -7.50
N LEU A 424 -1.90 -1.47 -7.79
CA LEU A 424 -1.33 -1.72 -9.11
C LEU A 424 -2.37 -1.43 -10.22
N PHE A 425 -3.56 -2.01 -10.07
CA PHE A 425 -4.70 -1.77 -10.97
C PHE A 425 -5.88 -1.47 -10.05
N PRO A 426 -6.06 -0.20 -9.70
CA PRO A 426 -7.08 0.19 -8.71
C PRO A 426 -8.48 -0.22 -9.10
N ARG A 427 -9.30 -0.53 -8.10
CA ARG A 427 -10.69 -0.85 -8.28
C ARG A 427 -11.51 0.14 -7.47
N THR A 428 -12.40 0.86 -8.16
CA THR A 428 -13.38 1.79 -7.57
C THR A 428 -14.74 1.50 -8.26
N PRO A 429 -15.85 2.05 -7.73
CA PRO A 429 -17.18 1.69 -8.25
C PRO A 429 -17.34 1.80 -9.77
N ALA A 430 -16.70 2.77 -10.41
CA ALA A 430 -16.80 2.89 -11.87
C ALA A 430 -15.58 2.37 -12.66
N ARG A 431 -14.65 1.72 -11.97
CA ARG A 431 -13.38 1.33 -12.60
C ARG A 431 -13.08 -0.13 -12.31
N LEU A 432 -13.14 -0.93 -13.36
CA LEU A 432 -12.91 -2.35 -13.31
C LEU A 432 -11.84 -2.76 -14.34
N TYR A 433 -11.40 -1.81 -15.15
CA TYR A 433 -10.62 -2.10 -16.35
C TYR A 433 -9.59 -1.00 -16.53
N PRO A 434 -8.34 -1.29 -16.92
CA PRO A 434 -7.88 -2.62 -17.37
C PRO A 434 -7.79 -3.62 -16.24
#